data_4Q0O
#
_entry.id   4Q0O
#
_cell.length_a   59.210
_cell.length_b   139.350
_cell.length_c   41.710
_cell.angle_alpha   90.000
_cell.angle_beta   90.000
_cell.angle_gamma   90.000
#
_symmetry.space_group_name_H-M   'C 2 2 21'
#
loop_
_entity.id
_entity.type
_entity.pdbx_description
1 polymer 'Protein polybromo-1'
2 non-polymer 'POTASSIUM ION'
3 non-polymer (2E)-1-(2-hydroxyphenyl)-3-[(3R)-3-phenylpiperidin-1-yl]prop-2-en-1-one
4 water water
#
_entity_poly.entity_id   1
_entity_poly.type   'polypeptide(L)'
_entity_poly.pdbx_seq_one_letter_code
;SMSGISPKKSKYMTPMQQKLNEVYEAVKNYTDKRGRRLSAIFLRLPSRSELPDYYLTIKKPMDMEKIRSHMMANKYQDID
SMVEDFVMMFNNACTYNEPESLIYKDALVLHKVLLETRRDLEGD
;
_entity_poly.pdbx_strand_id   A
#
# COMPACT_ATOMS: atom_id res chain seq x y z
N SER A 10 -14.60 -19.04 -11.29
CA SER A 10 -15.75 -18.46 -10.53
C SER A 10 -15.58 -16.96 -10.29
N LYS A 11 -16.50 -16.15 -10.84
CA LYS A 11 -16.41 -14.69 -10.73
C LYS A 11 -16.83 -14.10 -9.37
N TYR A 12 -17.38 -14.91 -8.47
CA TYR A 12 -17.89 -14.44 -7.15
C TYR A 12 -16.88 -14.55 -5.98
N MET A 13 -16.55 -13.41 -5.39
CA MET A 13 -15.62 -13.32 -4.25
C MET A 13 -16.30 -13.59 -2.92
N THR A 14 -15.57 -14.25 -2.02
CA THR A 14 -15.96 -14.43 -0.63
C THR A 14 -15.99 -13.08 0.05
N PRO A 15 -16.73 -12.98 1.17
CA PRO A 15 -16.71 -11.74 1.95
C PRO A 15 -15.29 -11.26 2.29
N MET A 16 -14.42 -12.19 2.68
CA MET A 16 -13.03 -11.81 2.98
C MET A 16 -12.35 -11.27 1.75
N GLN A 17 -12.50 -11.96 0.62
CA GLN A 17 -11.96 -11.44 -0.65
C GLN A 17 -12.48 -10.05 -1.02
N GLN A 18 -13.75 -9.80 -0.80
CA GLN A 18 -14.34 -8.51 -1.13
C GLN A 18 -13.78 -7.41 -0.22
N LYS A 19 -13.60 -7.75 1.05
CA LYS A 19 -13.10 -6.81 2.06
C LYS A 19 -11.63 -6.44 1.76
N LEU A 20 -10.84 -7.45 1.40
CA LEU A 20 -9.42 -7.25 0.98
C LEU A 20 -9.32 -6.34 -0.25
N ASN A 21 -10.13 -6.64 -1.25
CA ASN A 21 -10.21 -5.80 -2.42
C ASN A 21 -10.63 -4.35 -2.14
N GLU A 22 -11.64 -4.20 -1.30
CA GLU A 22 -12.10 -2.90 -0.90
C GLU A 22 -11.03 -2.05 -0.23
N VAL A 23 -10.31 -2.65 0.71
CA VAL A 23 -9.18 -1.95 1.35
C VAL A 23 -8.09 -1.59 0.34
N TYR A 24 -7.69 -2.54 -0.51
CA TYR A 24 -6.70 -2.29 -1.54
C TYR A 24 -7.11 -1.11 -2.43
N GLU A 25 -8.35 -1.17 -2.90
CA GLU A 25 -8.85 -0.17 -3.83
C GLU A 25 -8.96 1.20 -3.17
N ALA A 26 -9.32 1.25 -1.89
CA ALA A 26 -9.44 2.55 -1.21
C ALA A 26 -8.11 3.32 -1.24
N VAL A 27 -7.04 2.60 -0.95
CA VAL A 27 -5.65 3.13 -1.01
C VAL A 27 -5.27 3.49 -2.44
N LYS A 28 -5.51 2.58 -3.37
CA LYS A 28 -5.11 2.76 -4.76
C LYS A 28 -5.82 3.95 -5.41
N ASN A 29 -7.11 4.08 -5.11
CA ASN A 29 -7.96 5.07 -5.78
C ASN A 29 -8.01 6.42 -5.12
N TYR A 30 -7.44 6.56 -3.92
CA TYR A 30 -7.53 7.81 -3.20
C TYR A 30 -6.96 8.97 -4.03
N THR A 31 -7.71 10.05 -4.13
CA THR A 31 -7.19 11.22 -4.83
C THR A 31 -7.41 12.41 -3.90
N ASP A 32 -6.49 13.35 -3.97
CA ASP A 32 -6.66 14.57 -3.21
C ASP A 32 -7.64 15.54 -3.89
N LYS A 33 -7.81 16.72 -3.32
CA LYS A 33 -8.77 17.70 -3.84
C LYS A 33 -8.35 18.24 -5.21
N ARG A 34 -7.10 18.10 -5.57
CA ARG A 34 -6.64 18.50 -6.92
C ARG A 34 -6.72 17.34 -7.92
N GLY A 35 -7.17 16.19 -7.43
CA GLY A 35 -7.23 14.97 -8.28
C GLY A 35 -5.92 14.23 -8.45
N ARG A 36 -4.91 14.49 -7.61
CA ARG A 36 -3.63 13.76 -7.74
C ARG A 36 -3.85 12.45 -7.02
N ARG A 37 -3.49 11.38 -7.70
CA ARG A 37 -3.60 10.03 -7.12
C ARG A 37 -2.35 9.72 -6.34
N LEU A 38 -2.49 9.73 -5.03
CA LEU A 38 -1.31 9.51 -4.17
C LEU A 38 -0.59 8.16 -4.34
N SER A 39 -1.30 7.11 -4.74
CA SER A 39 -0.76 5.79 -4.89
C SER A 39 0.19 5.67 -6.08
N ALA A 40 0.17 6.65 -6.99
CA ALA A 40 0.84 6.53 -8.30
C ALA A 40 2.30 6.00 -8.16
N ILE A 41 3.09 6.63 -7.30
CA ILE A 41 4.53 6.36 -7.14
C ILE A 41 4.78 5.09 -6.34
N PHE A 42 3.74 4.60 -5.69
CA PHE A 42 3.80 3.44 -4.77
C PHE A 42 3.44 2.14 -5.47
N LEU A 43 2.97 2.20 -6.70
CA LEU A 43 2.52 0.95 -7.35
C LEU A 43 3.69 0.03 -7.64
N ARG A 44 4.77 0.58 -8.18
CA ARG A 44 5.92 -0.22 -8.55
C ARG A 44 7.24 0.49 -8.16
N LEU A 45 7.97 -0.13 -7.24
CA LEU A 45 9.20 0.39 -6.78
C LEU A 45 10.19 0.28 -7.96
N PRO A 46 11.01 1.33 -8.15
CA PRO A 46 12.09 1.23 -9.13
C PRO A 46 13.08 0.11 -8.82
N SER A 47 13.90 -0.22 -9.80
CA SER A 47 14.83 -1.34 -9.68
C SER A 47 15.99 -0.98 -8.81
N ARG A 48 16.72 -2.03 -8.47
CA ARG A 48 17.94 -1.84 -7.70
CA ARG A 48 17.94 -1.86 -7.70
C ARG A 48 18.92 -0.97 -8.49
N SER A 49 19.07 -1.22 -9.79
CA SER A 49 19.99 -0.36 -10.56
C SER A 49 19.53 1.09 -10.52
N GLU A 50 18.20 1.32 -10.48
CA GLU A 50 17.65 2.68 -10.43
C GLU A 50 17.77 3.37 -9.11
N LEU A 51 17.63 2.60 -8.05
CA LEU A 51 17.72 3.19 -6.72
C LEU A 51 18.59 2.24 -5.87
N PRO A 52 19.91 2.15 -6.18
CA PRO A 52 20.88 1.34 -5.39
C PRO A 52 20.75 1.48 -3.87
N ASP A 53 20.77 2.75 -3.36
CA ASP A 53 20.69 3.09 -1.91
C ASP A 53 19.44 2.53 -1.22
N TYR A 54 18.37 2.41 -2.00
CA TYR A 54 17.10 1.94 -1.45
C TYR A 54 17.21 0.53 -1.02
N TYR A 55 17.73 -0.33 -1.90
CA TYR A 55 17.75 -1.73 -1.65
C TYR A 55 18.83 -2.11 -0.62
N LEU A 56 19.83 -1.26 -0.48
CA LEU A 56 20.89 -1.45 0.52
C LEU A 56 20.43 -1.08 1.91
N THR A 57 19.47 -0.15 1.99
CA THR A 57 19.01 0.37 3.28
C THR A 57 17.62 -0.11 3.70
N ILE A 58 16.77 -0.54 2.75
CA ILE A 58 15.41 -1.04 3.08
C ILE A 58 15.44 -2.56 3.05
N LYS A 59 15.24 -3.15 4.22
CA LYS A 59 15.35 -4.59 4.41
C LYS A 59 14.33 -5.40 3.62
N LYS A 60 13.08 -4.94 3.57
CA LYS A 60 12.06 -5.68 2.88
C LYS A 60 11.26 -4.77 1.95
N PRO A 61 11.76 -4.57 0.73
CA PRO A 61 11.11 -3.76 -0.32
C PRO A 61 9.65 -4.25 -0.55
N MET A 62 8.76 -3.27 -0.68
CA MET A 62 7.34 -3.58 -0.87
C MET A 62 6.73 -2.52 -1.79
N ASP A 63 5.86 -2.95 -2.69
CA ASP A 63 5.09 -2.00 -3.49
C ASP A 63 3.67 -2.50 -3.63
N MET A 64 2.81 -1.66 -4.21
CA MET A 64 1.43 -2.06 -4.28
C MET A 64 1.19 -3.16 -5.28
N GLU A 65 2.04 -3.29 -6.29
CA GLU A 65 1.90 -4.42 -7.24
C GLU A 65 2.19 -5.76 -6.55
N LYS A 66 3.11 -5.75 -5.60
CA LYS A 66 3.36 -6.96 -4.80
C LYS A 66 2.17 -7.31 -3.95
N ILE A 67 1.63 -6.32 -3.26
CA ILE A 67 0.41 -6.53 -2.50
C ILE A 67 -0.74 -7.05 -3.36
N ARG A 68 -0.96 -6.41 -4.52
CA ARG A 68 -2.00 -6.82 -5.45
C ARG A 68 -1.83 -8.27 -5.85
N SER A 69 -0.62 -8.61 -6.26
CA SER A 69 -0.24 -10.00 -6.55
C SER A 69 -0.60 -10.99 -5.45
N HIS A 70 -0.17 -10.72 -4.21
CA HIS A 70 -0.49 -11.58 -3.07
C HIS A 70 -1.99 -11.74 -2.98
N MET A 71 -2.71 -10.63 -3.10
CA MET A 71 -4.19 -10.63 -3.04
C MET A 71 -4.79 -11.47 -4.16
N MET A 72 -4.44 -11.18 -5.40
CA MET A 72 -5.00 -11.93 -6.54
C MET A 72 -4.67 -13.43 -6.50
N ALA A 73 -3.56 -13.77 -5.86
CA ALA A 73 -3.15 -15.15 -5.71
C ALA A 73 -3.93 -15.80 -4.56
N ASN A 74 -4.85 -15.04 -3.98
CA ASN A 74 -5.59 -15.46 -2.81
C ASN A 74 -4.72 -15.81 -1.61
N LYS A 75 -3.56 -15.18 -1.51
CA LYS A 75 -2.58 -15.55 -0.46
C LYS A 75 -2.76 -14.80 0.89
N TYR A 76 -3.60 -13.78 0.96
CA TYR A 76 -3.85 -13.13 2.29
C TYR A 76 -4.97 -13.83 3.04
N GLN A 77 -4.66 -14.43 4.19
CA GLN A 77 -5.68 -15.17 4.94
C GLN A 77 -6.63 -14.27 5.70
N ASP A 78 -6.19 -13.04 5.98
CA ASP A 78 -7.01 -12.10 6.72
C ASP A 78 -6.62 -10.68 6.41
N ILE A 79 -7.38 -9.73 6.94
CA ILE A 79 -7.17 -8.32 6.60
C ILE A 79 -5.91 -7.76 7.23
N ASP A 80 -5.67 -8.12 8.47
CA ASP A 80 -4.46 -7.71 9.19
C ASP A 80 -3.25 -7.98 8.36
N SER A 81 -3.23 -9.12 7.64
CA SER A 81 -2.01 -9.52 6.89
C SER A 81 -1.73 -8.55 5.76
N MET A 82 -2.80 -8.11 5.10
CA MET A 82 -2.66 -7.11 4.04
C MET A 82 -2.24 -5.79 4.59
N VAL A 83 -2.82 -5.39 5.71
CA VAL A 83 -2.47 -4.12 6.35
C VAL A 83 -0.98 -4.09 6.73
N GLU A 84 -0.50 -5.22 7.24
CA GLU A 84 0.89 -5.34 7.59
C GLU A 84 1.81 -5.00 6.39
N ASP A 85 1.46 -5.47 5.21
CA ASP A 85 2.28 -5.19 4.05
C ASP A 85 2.20 -3.72 3.62
N PHE A 86 1.02 -3.13 3.75
CA PHE A 86 0.90 -1.71 3.48
C PHE A 86 1.69 -0.88 4.45
N VAL A 87 1.61 -1.26 5.74
CA VAL A 87 2.36 -0.54 6.78
C VAL A 87 3.85 -0.66 6.54
N MET A 88 4.28 -1.84 6.11
CA MET A 88 5.68 -2.03 5.77
C MET A 88 6.10 -1.09 4.66
N MET A 89 5.28 -0.98 3.61
CA MET A 89 5.60 -0.08 2.51
C MET A 89 5.68 1.38 2.98
N PHE A 90 4.70 1.82 3.76
CA PHE A 90 4.65 3.20 4.21
C PHE A 90 5.82 3.52 5.14
N ASN A 91 6.15 2.56 5.96
CA ASN A 91 7.30 2.75 6.82
C ASN A 91 8.62 2.77 6.04
N ASN A 92 8.72 1.94 5.01
CA ASN A 92 9.87 2.00 4.12
C ASN A 92 9.94 3.38 3.46
N ALA A 93 8.79 3.91 2.99
CA ALA A 93 8.86 5.19 2.36
C ALA A 93 9.30 6.30 3.34
N CYS A 94 8.78 6.23 4.56
CA CYS A 94 9.09 7.23 5.60
C CYS A 94 10.50 6.99 6.15
N THR A 95 11.04 5.78 5.98
CA THR A 95 12.50 5.58 6.25
C THR A 95 13.44 6.16 5.21
N TYR A 96 13.20 5.86 3.94
CA TYR A 96 14.09 6.28 2.88
C TYR A 96 14.07 7.78 2.60
N ASN A 97 12.86 8.35 2.58
CA ASN A 97 12.67 9.73 2.17
C ASN A 97 12.66 10.62 3.43
N GLU A 98 12.98 11.89 3.24
CA GLU A 98 12.97 12.87 4.34
C GLU A 98 11.54 13.27 4.73
N PRO A 99 11.32 13.54 6.04
CA PRO A 99 10.06 14.08 6.54
C PRO A 99 9.53 15.25 5.72
N GLU A 100 10.40 16.04 5.08
CA GLU A 100 9.92 17.24 4.34
C GLU A 100 9.45 16.90 2.93
N SER A 101 9.76 15.69 2.47
CA SER A 101 9.49 15.34 1.09
C SER A 101 8.00 15.03 0.92
N LEU A 102 7.49 15.26 -0.27
CA LEU A 102 6.09 14.99 -0.58
C LEU A 102 5.78 13.48 -0.50
N ILE A 103 6.71 12.62 -0.97
CA ILE A 103 6.48 11.17 -0.88
C ILE A 103 6.22 10.74 0.58
N TYR A 104 7.02 11.26 1.51
CA TYR A 104 6.85 10.99 2.94
C TYR A 104 5.49 11.41 3.38
N LYS A 105 5.14 12.63 3.04
CA LYS A 105 3.82 13.14 3.39
C LYS A 105 2.67 12.32 2.82
N ASP A 106 2.77 12.00 1.53
CA ASP A 106 1.75 11.16 0.89
C ASP A 106 1.61 9.79 1.58
N ALA A 107 2.73 9.19 1.96
CA ALA A 107 2.67 7.91 2.68
C ALA A 107 1.83 8.00 3.94
N LEU A 108 1.96 9.12 4.69
CA LEU A 108 1.23 9.33 5.93
C LEU A 108 -0.28 9.48 5.63
N VAL A 109 -0.60 10.14 4.53
CA VAL A 109 -1.99 10.31 4.11
C VAL A 109 -2.62 8.99 3.76
N LEU A 110 -1.91 8.18 2.96
CA LEU A 110 -2.41 6.89 2.58
C LEU A 110 -2.48 5.92 3.75
N HIS A 111 -1.55 6.00 4.69
CA HIS A 111 -1.65 5.19 5.89
C HIS A 111 -2.95 5.43 6.64
N LYS A 112 -3.34 6.68 6.69
CA LYS A 112 -4.61 7.08 7.33
C LYS A 112 -5.81 6.57 6.55
N VAL A 113 -5.75 6.64 5.21
CA VAL A 113 -6.82 6.09 4.39
C VAL A 113 -6.93 4.58 4.69
N LEU A 114 -5.80 3.90 4.77
CA LEU A 114 -5.83 2.48 5.07
C LEU A 114 -6.54 2.18 6.41
N LEU A 115 -6.12 2.87 7.46
CA LEU A 115 -6.62 2.58 8.81
C LEU A 115 -8.09 3.00 8.92
N GLU A 116 -8.43 4.13 8.32
CA GLU A 116 -9.82 4.56 8.24
C GLU A 116 -10.71 3.63 7.48
N THR A 117 -10.20 3.06 6.41
CA THR A 117 -10.97 2.09 5.61
C THR A 117 -11.17 0.79 6.41
N ARG A 118 -10.11 0.31 7.05
CA ARG A 118 -10.21 -0.89 7.90
C ARG A 118 -11.23 -0.69 9.03
N ARG A 119 -11.22 0.50 9.62
CA ARG A 119 -12.08 0.82 10.74
C ARG A 119 -13.51 1.01 10.28
N ASP A 120 -13.72 1.73 9.20
CA ASP A 120 -15.07 1.94 8.65
C ASP A 120 -15.73 0.63 8.25
N LEU A 121 -14.93 -0.33 7.83
CA LEU A 121 -15.41 -1.70 7.60
C LEU A 121 -15.34 -2.62 8.84
N GLU A 122 -15.01 -2.10 10.04
CA GLU A 122 -15.01 -2.91 11.29
C GLU A 122 -16.23 -3.83 11.41
N GLY A 123 -17.43 -3.25 11.31
CA GLY A 123 -18.68 -4.04 11.37
C GLY A 123 -19.12 -4.56 10.02
N ASP A 124 -18.16 -4.67 9.09
CA ASP A 124 -18.40 -4.96 7.67
C ASP A 124 -19.36 -3.96 7.02
#